data_4XRT
#
_entry.id   4XRT
#
_cell.length_a   59.976
_cell.length_b   92.433
_cell.length_c   138.529
_cell.angle_alpha   90.00
_cell.angle_beta   90.00
_cell.angle_gamma   90.00
#
_symmetry.space_group_name_H-M   'P 21 21 21'
#
loop_
_entity.id
_entity.type
_entity.pdbx_description
1 polymer 'StfQ Aromatase/Cyclase'
2 non-polymer 'FORMIC ACID'
3 water water
#
_entity_poly.entity_id   1
_entity_poly.type   'polypeptide(L)'
_entity_poly.pdbx_seq_one_letter_code
;MGSSHHHHHHSSGLVPRGSHMPTLGKDTLQYTATVAAPAPLVFDLVAGLENWPQFHGPSVHAEPLGRRDGAEEFQHWWVI
DDRTVRTWRARWRFDSQALRIGYTYDPAEPAAPAQHGEWTFRRLSDASTEVRVEYELLGDEGDAALADRELRELVDCVTD
AAERHEERRDLVVDFEDPLFVAGAVDDAYTYLYEADKWPERIPHVARLVMEERVPNIQFFDMDTTTPDGSAHTTRSVRVC
LPGDKIVYKQIQLPKLLTGHTGHWKFTPTREGFVLGARHTATIKPSALPILGEGTTVLDARKYLRRVLSANSMGNLRLAK
AFAEERAGV
;
_entity_poly.pdbx_strand_id   A,B
#
loop_
_chem_comp.id
_chem_comp.type
_chem_comp.name
_chem_comp.formula
FMT non-polymer 'FORMIC ACID' 'C H2 O2'
#
# COMPACT_ATOMS: atom_id res chain seq x y z
N THR A 28 15.02 22.19 -14.35
CA THR A 28 13.69 22.13 -13.76
C THR A 28 12.87 20.93 -14.27
N LEU A 29 12.39 20.14 -13.32
CA LEU A 29 11.54 18.99 -13.60
C LEU A 29 10.09 19.44 -13.67
N GLN A 30 9.24 18.60 -14.28
CA GLN A 30 7.86 18.98 -14.46
C GLN A 30 6.93 17.77 -14.52
N TYR A 31 5.72 17.93 -14.01
CA TYR A 31 4.68 16.93 -14.19
C TYR A 31 3.37 17.65 -14.51
N THR A 32 2.66 17.15 -15.52
CA THR A 32 1.42 17.76 -15.97
C THR A 32 0.30 16.73 -16.05
N ALA A 33 -0.90 17.08 -15.59
CA ALA A 33 -2.02 16.15 -15.69
C ALA A 33 -3.32 16.88 -15.88
N THR A 34 -4.30 16.18 -16.44
CA THR A 34 -5.62 16.71 -16.69
C THR A 34 -6.62 16.16 -15.67
N VAL A 35 -7.37 17.08 -15.06
CA VAL A 35 -8.34 16.74 -14.02
C VAL A 35 -9.74 17.14 -14.45
N ALA A 36 -10.67 16.20 -14.43
CA ALA A 36 -12.03 16.50 -14.84
C ALA A 36 -12.83 17.12 -13.70
N ALA A 37 -12.44 18.34 -13.32
CA ALA A 37 -13.14 19.12 -12.30
C ALA A 37 -12.75 20.59 -12.51
N PRO A 38 -13.55 21.52 -11.94
CA PRO A 38 -13.26 22.95 -12.11
C PRO A 38 -11.98 23.37 -11.41
N ALA A 39 -11.24 24.29 -12.03
CA ALA A 39 -9.93 24.72 -11.53
C ALA A 39 -9.93 25.23 -10.09
N PRO A 40 -10.92 26.05 -9.70
CA PRO A 40 -10.89 26.54 -8.31
C PRO A 40 -11.01 25.40 -7.30
N LEU A 41 -11.81 24.39 -7.62
CA LEU A 41 -11.96 23.23 -6.72
C LEU A 41 -10.64 22.48 -6.61
N VAL A 42 -9.93 22.32 -7.73
CA VAL A 42 -8.67 21.60 -7.70
C VAL A 42 -7.65 22.41 -6.93
N PHE A 43 -7.63 23.72 -7.17
CA PHE A 43 -6.75 24.62 -6.43
C PHE A 43 -7.01 24.49 -4.93
N ASP A 44 -8.27 24.51 -4.54
CA ASP A 44 -8.63 24.46 -3.12
C ASP A 44 -8.15 23.17 -2.43
N LEU A 45 -8.24 22.06 -3.16
CA LEU A 45 -7.81 20.78 -2.61
C LEU A 45 -6.32 20.78 -2.30
N VAL A 46 -5.53 21.36 -3.20
CA VAL A 46 -4.09 21.40 -2.99
C VAL A 46 -3.76 22.41 -1.91
N ALA A 47 -4.45 23.55 -1.93
CA ALA A 47 -4.12 24.63 -1.00
C ALA A 47 -4.46 24.28 0.45
N GLY A 48 -5.47 23.43 0.65
CA GLY A 48 -5.94 23.05 1.97
C GLY A 48 -5.04 21.99 2.57
N LEU A 49 -3.82 22.39 2.95
CA LEU A 49 -2.79 21.46 3.39
C LEU A 49 -3.23 20.57 4.57
N GLU A 50 -3.98 21.14 5.51
CA GLU A 50 -4.38 20.39 6.70
C GLU A 50 -5.35 19.25 6.38
N ASN A 51 -5.96 19.30 5.19
CA ASN A 51 -6.94 18.28 4.79
C ASN A 51 -6.44 17.25 3.78
N TRP A 52 -5.17 17.35 3.37
CA TRP A 52 -4.59 16.30 2.53
C TRP A 52 -4.76 14.89 3.12
N PRO A 53 -4.64 14.75 4.45
CA PRO A 53 -4.81 13.39 4.98
C PRO A 53 -6.16 12.76 4.62
N GLN A 54 -7.18 13.59 4.33
CA GLN A 54 -8.50 13.06 3.98
C GLN A 54 -8.54 12.37 2.60
N PHE A 55 -7.59 12.65 1.72
CA PHE A 55 -7.65 12.04 0.39
C PHE A 55 -6.32 11.55 -0.14
N HIS A 56 -5.25 11.79 0.60
CA HIS A 56 -3.90 11.38 0.21
C HIS A 56 -3.35 10.39 1.25
N GLY A 57 -3.10 9.15 0.82
CA GLY A 57 -2.63 8.10 1.71
C GLY A 57 -1.54 8.47 2.72
N PRO A 58 -0.38 8.94 2.23
CA PRO A 58 0.74 9.21 3.15
C PRO A 58 0.53 10.42 4.08
N SER A 59 -0.34 11.36 3.74
CA SER A 59 -0.46 12.59 4.53
C SER A 59 -1.10 12.28 5.89
N VAL A 60 -0.44 12.69 6.97
CA VAL A 60 -1.01 12.48 8.32
C VAL A 60 -1.45 13.81 8.94
N HIS A 61 -0.63 14.84 8.80
CA HIS A 61 -1.01 16.14 9.32
C HIS A 61 -0.19 17.23 8.67
N ALA A 62 -0.71 18.45 8.72
CA ALA A 62 0.08 19.63 8.40
C ALA A 62 -0.34 20.71 9.38
N GLU A 63 0.64 21.30 10.06
CA GLU A 63 0.40 22.25 11.16
C GLU A 63 0.89 23.65 10.77
N PRO A 64 -0.02 24.64 10.74
CA PRO A 64 0.43 26.00 10.41
C PRO A 64 1.31 26.57 11.52
N LEU A 65 2.43 27.19 11.15
CA LEU A 65 3.40 27.69 12.13
C LEU A 65 3.55 29.21 12.10
N GLY A 66 2.72 29.90 11.33
CA GLY A 66 2.78 31.34 11.25
C GLY A 66 3.33 31.84 9.92
N ARG A 67 3.42 33.15 9.77
CA ARG A 67 3.96 33.73 8.54
C ARG A 67 5.46 33.97 8.63
N ARG A 68 6.10 34.03 7.47
CA ARG A 68 7.51 34.40 7.38
C ARG A 68 7.65 35.31 6.17
N ASP A 69 7.52 36.60 6.40
CA ASP A 69 7.51 37.60 5.32
C ASP A 69 6.58 37.18 4.17
N GLY A 70 5.27 37.18 4.42
CA GLY A 70 4.32 36.87 3.36
C GLY A 70 4.07 35.39 3.06
N ALA A 71 5.01 34.52 3.42
CA ALA A 71 4.81 33.08 3.21
C ALA A 71 4.17 32.44 4.45
N GLU A 72 3.51 31.30 4.26
CA GLU A 72 2.92 30.58 5.38
C GLU A 72 3.76 29.34 5.69
N GLU A 73 4.34 29.32 6.88
CA GLU A 73 5.20 28.24 7.29
C GLU A 73 4.35 27.09 7.85
N PHE A 74 4.72 25.86 7.50
CA PHE A 74 3.97 24.67 7.94
C PHE A 74 4.95 23.59 8.37
N GLN A 75 4.54 22.75 9.29
CA GLN A 75 5.25 21.49 9.48
C GLN A 75 4.38 20.37 8.88
N HIS A 76 5.03 19.42 8.21
CA HIS A 76 4.35 18.31 7.53
C HIS A 76 4.76 17.00 8.15
N TRP A 77 3.82 16.06 8.21
CA TRP A 77 4.11 14.68 8.59
C TRP A 77 3.46 13.73 7.59
N TRP A 78 4.27 12.86 6.99
CA TRP A 78 3.77 11.79 6.09
C TRP A 78 4.16 10.43 6.66
N VAL A 79 3.27 9.45 6.57
CA VAL A 79 3.67 8.11 6.95
C VAL A 79 4.25 7.50 5.68
N ILE A 80 5.49 7.02 5.74
CA ILE A 80 6.12 6.53 4.50
C ILE A 80 6.32 5.00 4.45
N ASP A 81 6.25 4.35 5.63
CA ASP A 81 6.04 2.89 5.71
C ASP A 81 5.31 2.61 7.05
N ASP A 82 5.06 1.35 7.39
CA ASP A 82 4.09 1.13 8.50
C ASP A 82 4.70 1.34 9.90
N ARG A 83 5.89 1.90 9.97
CA ARG A 83 6.52 2.25 11.24
C ARG A 83 7.36 3.50 11.17
N THR A 84 7.24 4.25 10.10
CA THR A 84 8.09 5.43 9.93
C THR A 84 7.33 6.63 9.40
N VAL A 85 7.53 7.77 10.05
CA VAL A 85 6.95 9.02 9.57
C VAL A 85 8.08 9.96 9.08
N ARG A 86 7.83 10.65 7.99
CA ARG A 86 8.75 11.68 7.51
C ARG A 86 8.21 13.04 7.94
N THR A 87 9.02 13.90 8.54
CA THR A 87 8.53 15.24 8.86
C THR A 87 9.51 16.29 8.32
N TRP A 88 8.99 17.44 7.90
CA TRP A 88 9.81 18.51 7.37
C TRP A 88 9.05 19.81 7.50
N ARG A 89 9.81 20.89 7.41
CA ARG A 89 9.27 22.25 7.45
C ARG A 89 9.15 22.78 6.02
N ALA A 90 8.10 23.56 5.76
CA ALA A 90 7.84 24.10 4.42
C ALA A 90 7.31 25.51 4.53
N ARG A 91 7.44 26.27 3.46
CA ARG A 91 6.82 27.58 3.39
C ARG A 91 6.03 27.67 2.09
N TRP A 92 4.78 28.08 2.20
CA TRP A 92 3.86 28.09 1.08
C TRP A 92 3.39 29.50 0.75
N ARG A 93 3.15 29.75 -0.54
CA ARG A 93 2.49 30.97 -1.01
C ARG A 93 1.27 30.60 -1.85
N PHE A 94 0.09 31.03 -1.41
CA PHE A 94 -1.14 30.66 -2.09
C PHE A 94 -1.71 31.88 -2.81
N ASP A 95 -2.03 31.73 -4.09
CA ASP A 95 -2.64 32.83 -4.85
C ASP A 95 -3.96 32.35 -5.46
N SER A 96 -5.05 32.55 -4.74
CA SER A 96 -6.36 32.06 -5.19
C SER A 96 -6.91 32.82 -6.40
N GLN A 97 -6.30 33.95 -6.73
CA GLN A 97 -6.74 34.71 -7.89
C GLN A 97 -6.08 34.18 -9.16
N ALA A 98 -4.77 34.01 -9.12
CA ALA A 98 -4.05 33.48 -10.27
C ALA A 98 -4.08 31.95 -10.33
N LEU A 99 -4.63 31.33 -9.29
CA LEU A 99 -4.60 29.87 -9.14
C LEU A 99 -3.17 29.36 -9.27
N ARG A 100 -2.30 29.85 -8.40
CA ARG A 100 -0.91 29.44 -8.35
C ARG A 100 -0.55 29.15 -6.90
N ILE A 101 0.31 28.15 -6.71
CA ILE A 101 0.81 27.83 -5.39
C ILE A 101 2.30 27.59 -5.46
N GLY A 102 3.05 28.36 -4.68
CA GLY A 102 4.49 28.15 -4.59
C GLY A 102 4.88 27.48 -3.28
N TYR A 103 5.93 26.66 -3.29
CA TYR A 103 6.34 26.02 -2.06
C TYR A 103 7.83 25.79 -2.03
N THR A 104 8.37 25.79 -0.81
CA THR A 104 9.75 25.42 -0.57
C THR A 104 9.75 24.43 0.58
N TYR A 105 10.40 23.28 0.39
CA TYR A 105 10.57 22.30 1.44
C TYR A 105 12.00 22.33 1.97
N ASP A 106 12.17 22.45 3.28
CA ASP A 106 13.48 22.17 3.88
C ASP A 106 13.74 20.67 3.85
N PRO A 107 15.01 20.26 4.04
CA PRO A 107 15.35 18.84 4.12
C PRO A 107 14.55 18.13 5.20
N ALA A 108 14.14 16.90 4.92
CA ALA A 108 13.26 16.18 5.83
C ALA A 108 14.03 15.25 6.74
N GLU A 109 13.33 14.74 7.76
CA GLU A 109 13.83 13.64 8.60
C GLU A 109 12.79 12.51 8.66
N PRO A 110 13.16 11.27 8.26
CA PRO A 110 14.45 10.86 7.68
C PRO A 110 14.73 11.58 6.37
N ALA A 111 15.96 11.49 5.89
CA ALA A 111 16.43 12.35 4.79
C ALA A 111 15.52 12.30 3.57
N ALA A 112 15.16 13.49 3.11
CA ALA A 112 14.60 13.71 1.79
C ALA A 112 15.08 15.09 1.37
N PRO A 113 15.27 15.31 0.07
CA PRO A 113 15.91 16.57 -0.32
C PRO A 113 15.02 17.78 -0.11
N ALA A 114 15.64 18.94 0.10
CA ALA A 114 14.94 20.20 -0.03
C ALA A 114 14.37 20.31 -1.44
N GLN A 115 13.31 21.08 -1.57
CA GLN A 115 12.60 21.15 -2.83
C GLN A 115 11.99 22.54 -2.98
N HIS A 116 11.95 23.04 -4.22
CA HIS A 116 11.27 24.29 -4.49
C HIS A 116 10.37 24.09 -5.70
N GLY A 117 9.12 24.52 -5.63
CA GLY A 117 8.24 24.28 -6.76
C GLY A 117 7.05 25.21 -6.90
N GLU A 118 6.33 25.05 -8.01
CA GLU A 118 5.14 25.83 -8.25
C GLU A 118 4.05 24.99 -8.92
N TRP A 119 2.85 25.09 -8.37
CA TRP A 119 1.66 24.49 -8.96
C TRP A 119 0.92 25.54 -9.77
N THR A 120 0.39 25.16 -10.93
CA THR A 120 -0.53 26.05 -11.64
C THR A 120 -1.73 25.23 -12.05
N PHE A 121 -2.90 25.87 -12.01
CA PHE A 121 -4.16 25.21 -12.33
C PHE A 121 -4.84 26.01 -13.43
N ARG A 122 -5.00 25.38 -14.58
CA ARG A 122 -5.45 26.10 -15.77
C ARG A 122 -6.76 25.55 -16.30
N ARG A 123 -7.73 26.43 -16.50
CA ARG A 123 -9.02 26.06 -17.08
C ARG A 123 -8.89 25.44 -18.48
N LEU A 124 -9.57 24.32 -18.69
CA LEU A 124 -9.66 23.70 -20.01
C LEU A 124 -11.11 23.70 -20.48
N SER A 125 -12.02 23.78 -19.53
CA SER A 125 -13.45 23.89 -19.72
C SER A 125 -14.08 24.14 -18.38
N ASP A 126 -15.39 24.26 -18.33
CA ASP A 126 -16.09 24.52 -17.07
C ASP A 126 -15.75 23.47 -16.01
N ALA A 127 -15.46 22.25 -16.44
CA ALA A 127 -15.20 21.16 -15.51
C ALA A 127 -13.98 20.35 -15.86
N SER A 128 -12.95 21.04 -16.37
CA SER A 128 -11.72 20.38 -16.75
C SER A 128 -10.57 21.33 -16.46
N THR A 129 -9.47 20.77 -15.96
CA THR A 129 -8.35 21.58 -15.49
C THR A 129 -7.03 20.93 -15.85
N GLU A 130 -6.08 21.76 -16.29
CA GLU A 130 -4.73 21.25 -16.45
C GLU A 130 -3.91 21.64 -15.23
N VAL A 131 -3.41 20.63 -14.54
CA VAL A 131 -2.55 20.81 -13.40
C VAL A 131 -1.10 20.63 -13.85
N ARG A 132 -0.26 21.59 -13.48
CA ARG A 132 1.16 21.49 -13.79
C ARG A 132 1.98 21.82 -12.55
N VAL A 133 2.97 20.99 -12.27
CA VAL A 133 3.90 21.27 -11.19
C VAL A 133 5.34 21.31 -11.72
N GLU A 134 6.02 22.44 -11.54
CA GLU A 134 7.42 22.56 -11.88
C GLU A 134 8.22 22.67 -10.61
N TYR A 135 9.30 21.92 -10.50
CA TYR A 135 10.03 21.90 -9.24
C TYR A 135 11.50 21.56 -9.45
N GLU A 136 12.29 21.81 -8.42
CA GLU A 136 13.70 21.44 -8.42
C GLU A 136 14.03 20.86 -7.06
N LEU A 137 14.87 19.84 -7.04
CA LEU A 137 15.46 19.36 -5.79
C LEU A 137 16.75 20.13 -5.51
N LEU A 138 16.94 20.56 -4.26
CA LEU A 138 18.12 21.35 -3.91
C LEU A 138 19.20 20.46 -3.31
N GLY A 139 20.40 20.55 -3.84
CA GLY A 139 21.44 19.69 -3.39
C GLY A 139 21.63 18.49 -4.28
N ASP A 140 22.49 17.57 -3.87
CA ASP A 140 22.91 16.45 -4.71
C ASP A 140 22.45 15.10 -4.22
N GLU A 141 22.02 15.03 -2.98
CA GLU A 141 21.88 13.75 -2.33
C GLU A 141 20.52 13.06 -2.45
N GLY A 142 19.63 13.64 -3.21
CA GLY A 142 18.27 13.16 -3.25
C GLY A 142 18.05 11.91 -4.07
N ASP A 143 16.82 11.39 -4.03
CA ASP A 143 16.36 10.33 -4.92
C ASP A 143 15.32 10.97 -5.82
N ALA A 144 15.71 11.35 -7.03
CA ALA A 144 14.81 12.08 -7.94
C ALA A 144 13.66 11.20 -8.40
N ALA A 145 13.95 9.91 -8.56
CA ALA A 145 12.91 8.96 -8.91
C ALA A 145 11.84 8.95 -7.84
N LEU A 146 12.25 8.82 -6.58
CA LEU A 146 11.29 8.78 -5.48
C LEU A 146 10.45 10.07 -5.43
N ALA A 147 11.11 11.21 -5.58
CA ALA A 147 10.43 12.51 -5.51
C ALA A 147 9.39 12.64 -6.62
N ASP A 148 9.74 12.16 -7.81
CA ASP A 148 8.82 12.13 -8.95
C ASP A 148 7.58 11.27 -8.66
N ARG A 149 7.80 10.08 -8.13
CA ARG A 149 6.70 9.17 -7.84
C ARG A 149 5.79 9.74 -6.76
N GLU A 150 6.39 10.38 -5.76
CA GLU A 150 5.61 10.92 -4.65
C GLU A 150 4.74 12.07 -5.16
N LEU A 151 5.29 12.91 -6.03
CA LEU A 151 4.51 13.98 -6.63
C LEU A 151 3.38 13.42 -7.46
N ARG A 152 3.66 12.43 -8.31
CA ARG A 152 2.61 11.87 -9.16
C ARG A 152 1.47 11.24 -8.34
N GLU A 153 1.81 10.57 -7.25
CA GLU A 153 0.77 9.97 -6.42
C GLU A 153 -0.10 11.06 -5.76
N LEU A 154 0.53 12.12 -5.29
CA LEU A 154 -0.21 13.24 -4.71
C LEU A 154 -1.15 13.83 -5.76
N VAL A 155 -0.63 14.10 -6.96
CA VAL A 155 -1.50 14.63 -8.00
C VAL A 155 -2.62 13.64 -8.37
N ASP A 156 -2.32 12.34 -8.36
CA ASP A 156 -3.36 11.32 -8.59
C ASP A 156 -4.45 11.38 -7.54
N CYS A 157 -4.06 11.54 -6.28
CA CYS A 157 -5.04 11.64 -5.20
C CYS A 157 -5.86 12.94 -5.29
N VAL A 158 -5.20 14.04 -5.62
CA VAL A 158 -5.94 15.29 -5.85
C VAL A 158 -6.99 15.10 -6.97
N THR A 159 -6.55 14.48 -8.06
CA THR A 159 -7.41 14.22 -9.21
C THR A 159 -8.64 13.44 -8.80
N ASP A 160 -8.43 12.32 -8.14
CA ASP A 160 -9.53 11.50 -7.67
C ASP A 160 -10.48 12.25 -6.73
N ALA A 161 -9.93 12.99 -5.77
CA ALA A 161 -10.78 13.73 -4.83
C ALA A 161 -11.60 14.78 -5.57
N ALA A 162 -10.97 15.46 -6.52
CA ALA A 162 -11.64 16.52 -7.29
C ALA A 162 -12.72 15.93 -8.19
N GLU A 163 -12.35 14.89 -8.95
CA GLU A 163 -13.26 14.31 -9.92
C GLU A 163 -14.44 13.64 -9.22
N ARG A 164 -14.22 13.14 -8.01
CA ARG A 164 -15.31 12.46 -7.30
C ARG A 164 -15.87 13.33 -6.18
N HIS A 165 -15.80 14.64 -6.38
CA HIS A 165 -16.20 15.58 -5.34
C HIS A 165 -17.63 15.34 -4.86
N GLU A 166 -18.55 15.16 -5.80
CA GLU A 166 -19.96 14.96 -5.42
C GLU A 166 -20.13 13.62 -4.70
N GLU A 167 -19.51 12.58 -5.23
CA GLU A 167 -19.58 11.28 -4.59
C GLU A 167 -19.01 11.31 -3.17
N ARG A 168 -17.88 12.00 -2.98
CA ARG A 168 -17.25 12.10 -1.67
C ARG A 168 -18.13 12.83 -0.65
N ARG A 169 -19.09 13.62 -1.11
CA ARG A 169 -20.00 14.27 -0.19
C ARG A 169 -20.88 13.22 0.50
N ASP A 170 -21.07 12.08 -0.15
CA ASP A 170 -21.77 10.96 0.48
C ASP A 170 -20.83 9.96 1.15
N LEU A 171 -19.65 9.71 0.57
CA LEU A 171 -18.76 8.70 1.15
C LEU A 171 -18.01 9.21 2.38
N VAL A 172 -17.80 10.52 2.48
CA VAL A 172 -16.96 11.04 3.57
C VAL A 172 -17.85 11.46 4.75
N VAL A 173 -17.62 10.82 5.89
CA VAL A 173 -18.36 11.14 7.10
C VAL A 173 -17.44 11.93 8.03
N ASP A 174 -17.75 13.21 8.19
CA ASP A 174 -16.86 14.12 8.90
C ASP A 174 -17.62 14.80 10.04
N PHE A 175 -17.14 14.64 11.27
CA PHE A 175 -17.85 15.21 12.40
C PHE A 175 -16.91 15.38 13.59
N GLU A 176 -17.32 16.23 14.53
CA GLU A 176 -16.58 16.40 15.77
C GLU A 176 -17.53 16.49 16.97
N ASP A 177 -17.28 15.69 18.00
CA ASP A 177 -18.07 15.76 19.22
C ASP A 177 -17.26 16.35 20.36
N PRO A 178 -17.78 17.41 20.99
CA PRO A 178 -17.10 18.06 22.10
C PRO A 178 -17.59 17.61 23.47
N LEU A 179 -16.75 17.84 24.48
CA LEU A 179 -17.17 17.60 25.86
C LEU A 179 -16.43 18.55 26.77
N PHE A 180 -17.17 19.33 27.54
CA PHE A 180 -16.58 20.26 28.50
C PHE A 180 -15.91 19.50 29.63
N VAL A 181 -14.72 19.94 30.04
CA VAL A 181 -14.00 19.34 31.16
C VAL A 181 -13.55 20.39 32.18
N ALA A 182 -13.90 20.20 33.44
CA ALA A 182 -13.54 21.17 34.49
C ALA A 182 -12.20 20.80 35.12
N GLY A 183 -11.12 21.00 34.38
CA GLY A 183 -9.82 20.61 34.87
C GLY A 183 -8.71 21.10 33.98
N ALA A 184 -7.52 20.51 34.11
CA ALA A 184 -6.35 20.95 33.36
C ALA A 184 -6.20 20.19 32.02
N VAL A 185 -5.96 20.92 30.95
CA VAL A 185 -5.65 20.31 29.65
C VAL A 185 -4.60 19.22 29.76
N ASP A 186 -3.51 19.50 30.48
CA ASP A 186 -2.38 18.59 30.52
C ASP A 186 -2.78 17.19 31.03
N ASP A 187 -3.73 17.13 31.96
CA ASP A 187 -4.16 15.85 32.50
C ASP A 187 -4.96 15.02 31.46
N ALA A 188 -5.95 15.63 30.81
CA ALA A 188 -6.66 14.89 29.76
C ALA A 188 -5.73 14.59 28.58
N TYR A 189 -4.83 15.52 28.27
CA TYR A 189 -3.89 15.24 27.16
C TYR A 189 -3.05 13.99 27.48
N THR A 190 -2.49 13.95 28.69
CA THR A 190 -1.70 12.80 29.12
C THR A 190 -2.49 11.50 29.05
N TYR A 191 -3.77 11.55 29.42
CA TYR A 191 -4.62 10.36 29.41
C TYR A 191 -4.81 9.79 27.99
N LEU A 192 -4.99 10.67 27.01
CA LEU A 192 -5.22 10.22 25.64
C LEU A 192 -3.88 9.97 24.91
N TYR A 193 -2.82 10.59 25.42
CA TYR A 193 -1.47 10.39 24.88
C TYR A 193 -0.91 9.01 25.28
N GLU A 194 -1.10 8.63 26.54
CA GLU A 194 -0.57 7.35 27.02
C GLU A 194 -1.48 6.19 26.63
N ALA A 195 -1.58 5.96 25.32
CA ALA A 195 -2.47 4.92 24.79
C ALA A 195 -1.97 3.54 25.16
N ASP A 196 -0.69 3.41 25.48
CA ASP A 196 -0.16 2.12 25.92
C ASP A 196 -0.87 1.62 27.20
N LYS A 197 -1.53 2.52 27.93
CA LYS A 197 -2.25 2.15 29.15
C LYS A 197 -3.75 1.89 28.93
N TRP A 198 -4.24 2.15 27.71
CA TRP A 198 -5.67 1.96 27.45
C TRP A 198 -6.22 0.56 27.72
N PRO A 199 -5.42 -0.49 27.49
CA PRO A 199 -5.98 -1.83 27.70
C PRO A 199 -6.41 -2.07 29.15
N GLU A 200 -5.84 -1.31 30.07
CA GLU A 200 -6.22 -1.43 31.48
C GLU A 200 -7.21 -0.36 31.90
N ARG A 201 -7.50 0.58 31.00
CA ARG A 201 -8.31 1.74 31.35
C ARG A 201 -9.61 1.87 30.58
N ILE A 202 -9.60 1.50 29.31
CA ILE A 202 -10.74 1.72 28.44
C ILE A 202 -11.43 0.40 28.07
N PRO A 203 -12.73 0.30 28.36
CA PRO A 203 -13.45 -0.95 28.07
C PRO A 203 -13.33 -1.36 26.61
N HIS A 204 -13.15 -2.67 26.40
CA HIS A 204 -13.07 -3.28 25.06
C HIS A 204 -11.74 -3.04 24.32
N VAL A 205 -10.79 -2.36 24.96
CA VAL A 205 -9.46 -2.24 24.38
C VAL A 205 -8.66 -3.42 24.90
N ALA A 206 -8.56 -4.46 24.06
CA ALA A 206 -8.04 -5.76 24.49
C ALA A 206 -6.53 -5.85 24.36
N ARG A 207 -5.97 -5.09 23.43
CA ARG A 207 -4.52 -5.08 23.23
C ARG A 207 -4.11 -3.78 22.54
N LEU A 208 -2.98 -3.21 22.94
CA LEU A 208 -2.43 -2.07 22.22
C LEU A 208 -0.91 -2.14 22.27
N VAL A 209 -0.30 -2.18 21.09
CA VAL A 209 1.14 -2.35 20.98
C VAL A 209 1.76 -1.06 20.48
N MET A 210 2.35 -0.32 21.41
CA MET A 210 2.81 1.04 21.16
C MET A 210 4.26 1.10 20.71
N GLU A 211 4.53 1.90 19.69
CA GLU A 211 5.89 2.22 19.25
C GLU A 211 6.03 3.73 19.21
N GLU A 212 7.04 4.26 19.90
CA GLU A 212 7.29 5.70 19.88
C GLU A 212 8.79 5.91 19.97
N ARG A 213 9.51 5.42 18.97
CA ARG A 213 10.96 5.57 18.91
C ARG A 213 11.31 7.05 18.74
N VAL A 214 10.54 7.75 17.91
CA VAL A 214 10.65 9.21 17.80
C VAL A 214 9.61 9.87 18.70
N PRO A 215 10.07 10.76 19.61
CA PRO A 215 9.15 11.37 20.57
C PRO A 215 7.99 12.10 19.90
N ASN A 216 6.77 11.79 20.36
CA ASN A 216 5.55 12.46 19.91
C ASN A 216 5.10 12.03 18.51
N ILE A 217 5.70 10.97 18.01
CA ILE A 217 5.17 10.30 16.83
C ILE A 217 4.94 8.86 17.24
N GLN A 218 3.68 8.45 17.25
CA GLN A 218 3.34 7.11 17.72
C GLN A 218 2.76 6.23 16.61
N PHE A 219 3.08 4.95 16.67
CA PHE A 219 2.36 3.92 15.93
C PHE A 219 1.84 2.92 16.93
N PHE A 220 0.61 2.43 16.73
CA PHE A 220 0.22 1.25 17.47
C PHE A 220 -0.78 0.35 16.73
N ASP A 221 -0.67 -0.94 16.99
CA ASP A 221 -1.73 -1.89 16.67
C ASP A 221 -2.66 -1.91 17.87
N MET A 222 -3.97 -2.00 17.60
CA MET A 222 -4.99 -2.04 18.65
C MET A 222 -6.00 -3.13 18.33
N ASP A 223 -6.36 -3.94 19.33
CA ASP A 223 -7.45 -4.91 19.19
C ASP A 223 -8.62 -4.40 20.00
N THR A 224 -9.79 -4.32 19.36
CA THR A 224 -11.00 -3.92 20.06
C THR A 224 -12.00 -5.07 20.05
N THR A 225 -12.57 -5.37 21.20
CA THR A 225 -13.58 -6.41 21.25
C THR A 225 -14.96 -5.79 21.16
N THR A 226 -15.93 -6.62 20.78
CA THR A 226 -17.31 -6.18 20.68
C THR A 226 -18.20 -7.24 21.32
N PRO A 227 -19.39 -6.82 21.76
CA PRO A 227 -20.27 -7.72 22.53
C PRO A 227 -20.54 -9.05 21.82
N ASP A 228 -20.43 -9.07 20.50
CA ASP A 228 -20.75 -10.26 19.70
C ASP A 228 -19.59 -11.23 19.53
N GLY A 229 -18.54 -11.08 20.34
CA GLY A 229 -17.43 -12.02 20.30
C GLY A 229 -16.19 -11.59 19.53
N SER A 230 -16.38 -11.22 18.27
CA SER A 230 -15.25 -10.89 17.38
C SER A 230 -14.32 -9.81 17.93
N ALA A 231 -13.11 -9.76 17.37
CA ALA A 231 -12.12 -8.75 17.78
C ALA A 231 -11.37 -8.24 16.56
N HIS A 232 -11.35 -6.92 16.40
CA HIS A 232 -10.86 -6.30 15.18
C HIS A 232 -9.55 -5.56 15.43
N THR A 233 -8.57 -5.81 14.57
CA THR A 233 -7.27 -5.18 14.71
C THR A 233 -7.13 -4.03 13.73
N THR A 234 -6.63 -2.91 14.22
CA THR A 234 -6.33 -1.76 13.37
C THR A 234 -4.94 -1.26 13.75
N ARG A 235 -4.42 -0.35 12.93
CA ARG A 235 -3.12 0.23 13.22
C ARG A 235 -3.25 1.70 12.95
N SER A 236 -2.72 2.52 13.86
CA SER A 236 -2.86 3.95 13.77
C SER A 236 -1.49 4.60 13.87
N VAL A 237 -1.38 5.76 13.26
CA VAL A 237 -0.20 6.61 13.44
C VAL A 237 -0.69 7.93 14.01
N ARG A 238 0.01 8.46 15.00
CA ARG A 238 -0.43 9.69 15.63
C ARG A 238 0.68 10.72 15.72
N VAL A 239 0.33 11.96 15.44
CA VAL A 239 1.21 13.10 15.66
C VAL A 239 0.75 13.84 16.91
N CYS A 240 1.62 13.91 17.91
CA CYS A 240 1.22 14.48 19.19
C CYS A 240 1.79 15.89 19.37
N LEU A 241 0.88 16.84 19.54
CA LEU A 241 1.26 18.24 19.73
C LEU A 241 0.90 18.64 21.17
N PRO A 242 1.89 18.60 22.07
CA PRO A 242 1.66 18.82 23.51
C PRO A 242 0.82 20.06 23.79
N GLY A 243 -0.19 19.90 24.65
CA GLY A 243 -1.03 21.01 25.05
C GLY A 243 -2.02 21.48 23.99
N ASP A 244 -2.03 20.82 22.84
CA ASP A 244 -2.82 21.28 21.72
C ASP A 244 -3.76 20.19 21.21
N LYS A 245 -3.22 19.17 20.59
CA LYS A 245 -4.02 18.09 20.03
C LYS A 245 -3.18 16.89 19.66
N ILE A 246 -3.86 15.76 19.47
CA ILE A 246 -3.28 14.57 18.89
C ILE A 246 -4.02 14.29 17.60
N VAL A 247 -3.29 14.26 16.50
CA VAL A 247 -3.88 14.03 15.18
C VAL A 247 -3.49 12.63 14.76
N TYR A 248 -4.47 11.84 14.33
CA TYR A 248 -4.16 10.47 13.95
C TYR A 248 -4.74 10.04 12.60
N LYS A 249 -4.18 8.94 12.08
CA LYS A 249 -4.69 8.33 10.87
C LYS A 249 -4.57 6.82 11.00
N GLN A 250 -5.63 6.12 10.61
CA GLN A 250 -5.60 4.66 10.61
C GLN A 250 -4.98 4.15 9.32
N ILE A 251 -3.89 3.39 9.43
CA ILE A 251 -3.21 2.88 8.24
C ILE A 251 -3.52 1.41 7.98
N GLN A 252 -4.06 0.71 8.99
CA GLN A 252 -4.72 -0.58 8.76
C GLN A 252 -6.17 -0.39 9.14
N LEU A 253 -7.05 -0.52 8.16
CA LEU A 253 -8.44 -0.07 8.29
C LEU A 253 -9.43 -1.19 8.44
N PRO A 254 -10.59 -0.90 9.04
CA PRO A 254 -11.71 -1.84 8.90
C PRO A 254 -12.12 -1.95 7.44
N LYS A 255 -12.69 -3.09 7.07
CA LYS A 255 -13.06 -3.37 5.69
C LYS A 255 -14.00 -2.34 5.08
N LEU A 256 -14.85 -1.74 5.91
CA LEU A 256 -15.83 -0.77 5.42
C LEU A 256 -15.22 0.56 4.95
N LEU A 257 -13.96 0.80 5.28
CA LEU A 257 -13.35 2.12 5.05
C LEU A 257 -12.16 2.10 4.12
N THR A 258 -12.00 3.16 3.33
CA THR A 258 -10.74 3.39 2.62
C THR A 258 -9.90 4.47 3.31
N GLY A 259 -10.48 5.16 4.28
CA GLY A 259 -9.73 6.18 5.00
C GLY A 259 -10.38 6.48 6.34
N HIS A 260 -9.56 6.84 7.32
CA HIS A 260 -10.06 7.24 8.62
C HIS A 260 -9.00 8.08 9.32
N THR A 261 -9.29 9.36 9.47
CA THR A 261 -8.43 10.24 10.24
C THR A 261 -9.24 10.83 11.40
N GLY A 262 -8.57 11.46 12.35
CA GLY A 262 -9.30 12.08 13.44
C GLY A 262 -8.35 12.86 14.33
N HIS A 263 -8.87 13.53 15.35
CA HIS A 263 -8.03 14.02 16.43
C HIS A 263 -8.74 13.93 17.77
N TRP A 264 -7.79 14.26 18.77
CA TRP A 264 -8.21 14.61 20.11
C TRP A 264 -7.72 16.05 20.31
N LYS A 265 -8.63 16.98 20.54
CA LYS A 265 -8.23 18.40 20.58
C LYS A 265 -8.62 19.03 21.91
N PHE A 266 -7.79 19.95 22.39
CA PHE A 266 -7.99 20.51 23.73
C PHE A 266 -8.06 22.03 23.60
N THR A 267 -9.20 22.61 23.94
CA THR A 267 -9.44 24.04 23.76
C THR A 267 -9.81 24.74 25.06
N PRO A 268 -8.88 25.54 25.62
CA PRO A 268 -9.14 26.25 26.88
C PRO A 268 -10.35 27.18 26.83
N THR A 269 -11.09 27.22 27.94
CA THR A 269 -12.15 28.20 28.12
C THR A 269 -11.93 28.85 29.48
N ARG A 270 -12.68 29.90 29.76
CA ARG A 270 -12.55 30.61 31.02
C ARG A 270 -12.78 29.70 32.23
N GLU A 271 -13.60 28.65 32.08
CA GLU A 271 -13.96 27.80 33.23
C GLU A 271 -13.37 26.39 33.20
N GLY A 272 -12.63 26.05 32.15
CA GLY A 272 -12.04 24.73 32.00
C GLY A 272 -11.48 24.59 30.59
N PHE A 273 -11.79 23.48 29.93
CA PHE A 273 -11.49 23.37 28.50
C PHE A 273 -12.51 22.46 27.81
N VAL A 274 -12.52 22.50 26.48
CA VAL A 274 -13.46 21.70 25.70
C VAL A 274 -12.74 20.67 24.85
N LEU A 275 -12.79 19.42 25.27
CA LEU A 275 -12.16 18.33 24.52
C LEU A 275 -12.98 17.98 23.29
N GLY A 276 -12.32 17.90 22.14
CA GLY A 276 -12.99 17.61 20.88
C GLY A 276 -12.50 16.32 20.26
N ALA A 277 -13.42 15.43 19.89
CA ALA A 277 -13.04 14.21 19.18
C ALA A 277 -13.57 14.28 17.75
N ARG A 278 -12.67 14.49 16.80
CA ARG A 278 -13.06 14.50 15.38
C ARG A 278 -12.83 13.15 14.73
N HIS A 279 -13.73 12.79 13.82
CA HIS A 279 -13.54 11.67 12.91
C HIS A 279 -13.80 12.12 11.47
N THR A 280 -12.97 11.66 10.55
CA THR A 280 -13.24 11.84 9.13
C THR A 280 -13.01 10.48 8.47
N ALA A 281 -14.12 9.79 8.21
CA ALA A 281 -14.08 8.41 7.76
C ALA A 281 -14.66 8.27 6.36
N THR A 282 -13.94 7.56 5.48
CA THR A 282 -14.34 7.47 4.08
C THR A 282 -14.83 6.06 3.76
N ILE A 283 -16.11 5.98 3.41
CA ILE A 283 -16.76 4.72 3.11
C ILE A 283 -16.29 4.10 1.80
N LYS A 284 -16.06 2.79 1.83
CA LYS A 284 -15.76 2.01 0.62
C LYS A 284 -17.04 1.39 0.06
N PRO A 285 -17.53 1.93 -1.06
CA PRO A 285 -18.83 1.47 -1.62
C PRO A 285 -18.90 -0.05 -1.81
N SER A 286 -17.81 -0.70 -2.18
CA SER A 286 -17.84 -2.12 -2.45
C SER A 286 -18.06 -2.94 -1.19
N ALA A 287 -17.88 -2.33 -0.03
CA ALA A 287 -17.94 -3.11 1.19
C ALA A 287 -19.27 -2.92 1.94
N LEU A 288 -20.17 -2.14 1.36
CA LEU A 288 -21.45 -1.82 1.98
C LEU A 288 -22.23 -3.05 2.46
N PRO A 289 -22.20 -4.14 1.67
CA PRO A 289 -22.89 -5.37 2.07
C PRO A 289 -22.45 -5.91 3.42
N ILE A 290 -21.24 -5.57 3.86
CA ILE A 290 -20.78 -6.02 5.17
C ILE A 290 -21.74 -5.66 6.32
N LEU A 291 -22.59 -4.64 6.11
CA LEU A 291 -23.53 -4.23 7.15
C LEU A 291 -24.88 -4.92 7.01
N GLY A 292 -25.02 -5.77 6.02
CA GLY A 292 -26.28 -6.44 5.76
C GLY A 292 -26.79 -6.19 4.35
N GLU A 293 -27.60 -7.11 3.85
CA GLU A 293 -28.20 -7.00 2.53
C GLU A 293 -29.04 -5.72 2.41
N GLY A 294 -28.85 -4.99 1.34
CA GLY A 294 -29.61 -3.76 1.14
C GLY A 294 -28.94 -2.49 1.67
N THR A 295 -27.82 -2.64 2.37
CA THR A 295 -27.12 -1.48 2.94
C THR A 295 -26.85 -0.42 1.88
N THR A 296 -27.33 0.80 2.13
CA THR A 296 -27.00 1.94 1.28
C THR A 296 -25.83 2.73 1.86
N VAL A 297 -25.35 3.71 1.09
CA VAL A 297 -24.33 4.62 1.58
C VAL A 297 -24.82 5.35 2.84
N LEU A 298 -26.07 5.82 2.81
CA LEU A 298 -26.61 6.55 3.98
C LEU A 298 -26.64 5.64 5.19
N ASP A 299 -26.97 4.36 4.98
CA ASP A 299 -26.96 3.40 6.09
C ASP A 299 -25.56 3.32 6.70
N ALA A 300 -24.56 3.31 5.83
CA ALA A 300 -23.19 3.22 6.31
C ALA A 300 -22.80 4.53 7.03
N ARG A 301 -23.25 5.66 6.52
CA ARG A 301 -22.98 6.94 7.19
C ARG A 301 -23.59 6.94 8.61
N LYS A 302 -24.81 6.43 8.73
CA LYS A 302 -25.50 6.38 10.02
C LYS A 302 -24.78 5.46 11.01
N TYR A 303 -24.37 4.30 10.51
CA TYR A 303 -23.62 3.33 11.28
C TYR A 303 -22.33 3.94 11.85
N LEU A 304 -21.54 4.53 10.96
CA LEU A 304 -20.26 5.13 11.33
C LEU A 304 -20.41 6.30 12.28
N ARG A 305 -21.36 7.20 12.00
CA ARG A 305 -21.57 8.37 12.84
C ARG A 305 -21.86 7.89 14.27
N ARG A 306 -22.70 6.87 14.40
CA ARG A 306 -23.12 6.37 15.71
C ARG A 306 -22.02 5.59 16.41
N VAL A 307 -21.43 4.64 15.71
CA VAL A 307 -20.44 3.77 16.31
C VAL A 307 -19.14 4.50 16.65
N LEU A 308 -18.64 5.31 15.72
CA LEU A 308 -17.40 6.05 16.01
C LEU A 308 -17.60 7.07 17.14
N SER A 309 -18.72 7.78 17.15
CA SER A 309 -18.92 8.78 18.19
C SER A 309 -19.12 8.11 19.56
N ALA A 310 -19.81 6.96 19.60
CA ALA A 310 -19.98 6.23 20.87
C ALA A 310 -18.63 5.79 21.44
N ASN A 311 -17.76 5.25 20.60
CA ASN A 311 -16.44 4.84 21.05
C ASN A 311 -15.66 6.03 21.58
N SER A 312 -15.63 7.12 20.80
CA SER A 312 -14.89 8.31 21.20
C SER A 312 -15.45 8.97 22.44
N MET A 313 -16.77 9.03 22.56
CA MET A 313 -17.35 9.68 23.72
C MET A 313 -16.95 8.91 24.99
N GLY A 314 -16.83 7.59 24.88
CA GLY A 314 -16.35 6.79 25.98
C GLY A 314 -14.97 7.26 26.42
N ASN A 315 -14.08 7.45 25.46
CA ASN A 315 -12.77 8.02 25.76
C ASN A 315 -12.85 9.42 26.36
N LEU A 316 -13.72 10.27 25.81
CA LEU A 316 -13.81 11.64 26.30
C LEU A 316 -14.28 11.65 27.76
N ARG A 317 -15.27 10.83 28.07
CA ARG A 317 -15.79 10.81 29.44
C ARG A 317 -14.75 10.27 30.42
N LEU A 318 -13.99 9.26 30.02
CA LEU A 318 -12.89 8.77 30.84
C LEU A 318 -11.80 9.83 31.05
N ALA A 319 -11.43 10.54 29.98
CA ALA A 319 -10.42 11.59 30.11
C ALA A 319 -10.94 12.73 30.98
N LYS A 320 -12.22 13.05 30.85
CA LYS A 320 -12.86 14.09 31.66
C LYS A 320 -12.83 13.73 33.16
N ALA A 321 -13.20 12.50 33.47
CA ALA A 321 -13.19 12.04 34.87
C ALA A 321 -11.78 12.08 35.45
N PHE A 322 -10.81 11.65 34.65
CA PHE A 322 -9.40 11.63 35.04
C PHE A 322 -8.94 13.05 35.39
N ALA A 323 -9.21 14.01 34.51
CA ALA A 323 -8.81 15.40 34.73
C ALA A 323 -9.53 16.06 35.90
N GLU A 324 -10.83 15.81 36.02
CA GLU A 324 -11.60 16.48 37.07
C GLU A 324 -11.24 15.92 38.47
N GLU A 325 -10.95 14.63 38.54
CA GLU A 325 -10.47 14.01 39.77
C GLU A 325 -9.18 14.69 40.23
N ARG A 326 -8.27 14.91 39.29
CA ARG A 326 -7.00 15.53 39.60
C ARG A 326 -7.15 16.99 39.94
N ALA A 327 -8.26 17.60 39.52
CA ALA A 327 -8.54 19.00 39.84
C ALA A 327 -9.30 19.15 41.16
N GLY A 328 -9.50 18.05 41.88
CA GLY A 328 -10.23 18.09 43.14
C GLY A 328 -11.73 18.15 42.88
N VAL A 329 -12.08 17.67 41.69
CA VAL A 329 -13.42 17.69 41.09
C VAL A 329 -13.80 19.10 40.66
N THR B 28 8.00 -18.86 22.99
CA THR B 28 7.63 -18.83 21.58
C THR B 28 6.43 -17.92 21.33
N LEU B 29 6.49 -17.18 20.23
CA LEU B 29 5.37 -16.38 19.77
C LEU B 29 4.44 -17.26 18.95
N GLN B 30 3.15 -16.96 18.98
CA GLN B 30 2.20 -17.69 18.16
C GLN B 30 1.16 -16.77 17.54
N TYR B 31 0.61 -17.21 16.42
CA TYR B 31 -0.56 -16.56 15.85
C TYR B 31 -1.48 -17.66 15.37
N THR B 32 -2.78 -17.48 15.60
CA THR B 32 -3.77 -18.45 15.17
C THR B 32 -4.95 -17.72 14.53
N ALA B 33 -5.50 -18.33 13.50
CA ALA B 33 -6.67 -17.78 12.84
C ALA B 33 -7.44 -18.92 12.21
N THR B 34 -8.70 -18.67 11.90
CA THR B 34 -9.53 -19.70 11.32
C THR B 34 -9.78 -19.39 9.85
N VAL B 35 -9.79 -20.44 9.03
CA VAL B 35 -9.97 -20.31 7.59
C VAL B 35 -11.13 -21.19 7.13
N ALA B 36 -12.08 -20.59 6.43
CA ALA B 36 -13.25 -21.31 5.97
C ALA B 36 -12.96 -22.11 4.70
N ALA B 37 -12.06 -23.08 4.82
CA ALA B 37 -11.68 -23.96 3.72
C ALA B 37 -11.04 -25.22 4.27
N PRO B 38 -10.95 -26.27 3.43
CA PRO B 38 -10.36 -27.56 3.79
C PRO B 38 -8.87 -27.45 4.10
N ALA B 39 -8.44 -28.10 5.19
CA ALA B 39 -7.05 -28.06 5.64
C ALA B 39 -6.02 -28.35 4.55
N PRO B 40 -6.25 -29.39 3.75
CA PRO B 40 -5.27 -29.69 2.69
C PRO B 40 -5.13 -28.56 1.67
N LEU B 41 -6.23 -27.87 1.36
CA LEU B 41 -6.16 -26.75 0.44
C LEU B 41 -5.34 -25.62 1.03
N VAL B 42 -5.68 -25.25 2.27
CA VAL B 42 -4.93 -24.25 3.01
C VAL B 42 -3.46 -24.65 3.13
N PHE B 43 -3.21 -25.93 3.42
CA PHE B 43 -1.83 -26.43 3.51
C PHE B 43 -1.07 -26.24 2.20
N ASP B 44 -1.72 -26.56 1.09
CA ASP B 44 -1.06 -26.49 -0.21
C ASP B 44 -0.68 -25.06 -0.57
N LEU B 45 -1.56 -24.12 -0.26
CA LEU B 45 -1.29 -22.70 -0.51
C LEU B 45 -0.03 -22.24 0.19
N VAL B 46 0.11 -22.57 1.48
CA VAL B 46 1.33 -22.21 2.19
C VAL B 46 2.53 -22.99 1.67
N ALA B 47 2.32 -24.28 1.39
CA ALA B 47 3.39 -25.12 0.87
C ALA B 47 3.91 -24.65 -0.49
N GLY B 48 3.02 -24.19 -1.35
CA GLY B 48 3.41 -23.75 -2.68
C GLY B 48 4.13 -22.42 -2.70
N LEU B 49 5.34 -22.39 -2.16
CA LEU B 49 6.13 -21.16 -2.02
C LEU B 49 6.26 -20.34 -3.31
N GLU B 50 6.57 -21.01 -4.42
CA GLU B 50 6.78 -20.29 -5.68
C GLU B 50 5.51 -19.60 -6.19
N ASN B 51 4.35 -19.93 -5.61
CA ASN B 51 3.10 -19.29 -6.02
C ASN B 51 2.55 -18.21 -5.05
N TRP B 52 3.25 -17.95 -3.95
CA TRP B 52 2.84 -16.86 -3.06
C TRP B 52 2.65 -15.52 -3.80
N PRO B 53 3.51 -15.21 -4.79
CA PRO B 53 3.34 -13.91 -5.45
C PRO B 53 1.96 -13.72 -6.08
N GLN B 54 1.24 -14.81 -6.31
CA GLN B 54 -0.09 -14.74 -6.92
C GLN B 54 -1.20 -14.26 -5.98
N PHE B 55 -0.99 -14.37 -4.66
CA PHE B 55 -2.05 -13.96 -3.73
C PHE B 55 -1.55 -13.13 -2.53
N HIS B 56 -0.24 -12.94 -2.47
CA HIS B 56 0.39 -12.23 -1.37
C HIS B 56 1.17 -11.02 -1.89
N GLY B 57 0.72 -9.83 -1.53
CA GLY B 57 1.29 -8.60 -2.06
C GLY B 57 2.81 -8.54 -2.11
N PRO B 58 3.47 -8.70 -0.96
CA PRO B 58 4.93 -8.55 -0.94
C PRO B 58 5.70 -9.66 -1.68
N SER B 59 5.10 -10.84 -1.85
CA SER B 59 5.86 -11.93 -2.48
C SER B 59 6.13 -11.65 -3.95
N VAL B 60 7.40 -11.77 -4.34
CA VAL B 60 7.78 -11.57 -5.73
C VAL B 60 8.26 -12.87 -6.38
N HIS B 61 9.09 -13.63 -5.66
CA HIS B 61 9.54 -14.92 -6.16
C HIS B 61 10.08 -15.79 -5.03
N ALA B 62 10.04 -17.10 -5.23
CA ALA B 62 10.78 -18.05 -4.39
C ALA B 62 11.45 -19.03 -5.33
N GLU B 63 12.76 -19.21 -5.16
CA GLU B 63 13.53 -20.08 -6.05
C GLU B 63 14.07 -21.29 -5.28
N PRO B 64 13.70 -22.50 -5.73
CA PRO B 64 14.20 -23.74 -5.10
C PRO B 64 15.70 -23.89 -5.31
N LEU B 65 16.47 -24.08 -4.24
CA LEU B 65 17.91 -24.19 -4.35
C LEU B 65 18.41 -25.64 -4.16
N GLY B 66 17.48 -26.56 -4.05
CA GLY B 66 17.83 -27.97 -3.92
C GLY B 66 17.58 -28.51 -2.52
N ARG B 67 16.97 -29.69 -2.46
CA ARG B 67 16.70 -30.37 -1.20
C ARG B 67 18.00 -30.67 -0.47
N ARG B 68 17.96 -30.66 0.86
CA ARG B 68 19.16 -30.93 1.63
C ARG B 68 18.91 -31.15 3.13
N ASP B 69 19.46 -32.25 3.64
CA ASP B 69 19.23 -32.69 5.01
C ASP B 69 17.74 -32.94 5.25
N GLY B 70 17.08 -33.50 4.24
CA GLY B 70 15.66 -33.75 4.29
C GLY B 70 14.84 -32.47 4.20
N ALA B 71 15.54 -31.35 4.02
CA ALA B 71 14.91 -30.03 3.95
C ALA B 71 15.15 -29.38 2.60
N GLU B 72 14.14 -28.67 2.09
CA GLU B 72 14.27 -27.96 0.83
C GLU B 72 14.71 -26.53 1.04
N GLU B 73 15.87 -26.18 0.48
CA GLU B 73 16.39 -24.83 0.57
C GLU B 73 15.74 -23.93 -0.50
N PHE B 74 15.47 -22.68 -0.12
CA PHE B 74 14.86 -21.70 -1.02
C PHE B 74 15.51 -20.34 -0.85
N GLN B 75 15.54 -19.58 -1.93
CA GLN B 75 15.80 -18.14 -1.82
C GLN B 75 14.47 -17.40 -1.96
N HIS B 76 14.24 -16.41 -1.10
CA HIS B 76 13.00 -15.64 -1.15
C HIS B 76 13.29 -14.19 -1.54
N TRP B 77 12.34 -13.56 -2.22
CA TRP B 77 12.42 -12.14 -2.50
C TRP B 77 11.06 -11.51 -2.21
N TRP B 78 11.02 -10.53 -1.32
CA TRP B 78 9.81 -9.76 -1.04
C TRP B 78 10.00 -8.28 -1.35
N VAL B 79 9.01 -7.65 -1.97
CA VAL B 79 9.09 -6.20 -2.15
C VAL B 79 8.51 -5.59 -0.88
N ILE B 80 9.33 -4.80 -0.16
CA ILE B 80 8.88 -4.28 1.14
C ILE B 80 8.60 -2.77 1.16
N ASP B 81 9.12 -2.04 0.19
CA ASP B 81 8.56 -0.73 -0.18
C ASP B 81 8.76 -0.52 -1.68
N ASP B 82 8.33 0.59 -2.22
CA ASP B 82 8.32 0.79 -3.66
C ASP B 82 9.70 0.90 -4.31
N ARG B 83 10.74 0.73 -3.53
CA ARG B 83 12.06 0.73 -4.09
C ARG B 83 13.03 -0.23 -3.45
N THR B 84 12.53 -1.17 -2.67
CA THR B 84 13.37 -2.07 -1.91
C THR B 84 12.85 -3.49 -1.90
N VAL B 85 13.73 -4.44 -2.18
CA VAL B 85 13.42 -5.85 -2.01
C VAL B 85 14.23 -6.43 -0.85
N ARG B 86 13.55 -7.20 0.00
CA ARG B 86 14.22 -8.03 0.99
C ARG B 86 14.43 -9.43 0.43
N THR B 87 15.64 -9.96 0.54
CA THR B 87 15.90 -11.32 0.11
C THR B 87 16.56 -12.08 1.25
N TRP B 88 16.24 -13.37 1.35
CA TRP B 88 16.84 -14.20 2.37
C TRP B 88 16.80 -15.67 1.96
N ARG B 89 17.62 -16.49 2.61
CA ARG B 89 17.64 -17.92 2.34
C ARG B 89 16.83 -18.64 3.41
N ALA B 90 16.15 -19.72 3.01
CA ALA B 90 15.26 -20.43 3.93
C ALA B 90 15.34 -21.94 3.73
N ARG B 91 15.02 -22.68 4.79
CA ARG B 91 14.92 -24.13 4.75
C ARG B 91 13.52 -24.56 5.16
N TRP B 92 12.85 -25.31 4.29
CA TRP B 92 11.47 -25.70 4.53
C TRP B 92 11.33 -27.21 4.66
N ARG B 93 10.46 -27.65 5.58
CA ARG B 93 10.08 -29.05 5.73
C ARG B 93 8.58 -29.19 5.59
N PHE B 94 8.14 -29.81 4.51
CA PHE B 94 6.70 -29.99 4.28
C PHE B 94 6.27 -31.40 4.69
N ASP B 95 5.09 -31.47 5.30
CA ASP B 95 4.55 -32.74 5.78
C ASP B 95 3.08 -32.80 5.39
N SER B 96 2.82 -33.30 4.19
CA SER B 96 1.48 -33.28 3.62
C SER B 96 0.45 -34.11 4.39
N GLN B 97 0.87 -35.25 4.95
CA GLN B 97 -0.09 -36.10 5.63
C GLN B 97 -0.37 -35.59 7.04
N ALA B 98 0.68 -35.16 7.75
CA ALA B 98 0.51 -34.61 9.09
C ALA B 98 -0.03 -33.18 9.05
N LEU B 99 0.06 -32.53 7.88
CA LEU B 99 -0.33 -31.13 7.72
C LEU B 99 0.53 -30.21 8.58
N ARG B 100 1.84 -30.31 8.41
CA ARG B 100 2.79 -29.50 9.16
C ARG B 100 3.87 -28.95 8.26
N ILE B 101 4.29 -27.72 8.54
CA ILE B 101 5.36 -27.11 7.78
C ILE B 101 6.32 -26.41 8.73
N GLY B 102 7.58 -26.80 8.68
CA GLY B 102 8.61 -26.16 9.47
C GLY B 102 9.43 -25.28 8.57
N TYR B 103 10.00 -24.22 9.11
CA TYR B 103 10.79 -23.32 8.31
C TYR B 103 11.89 -22.67 9.13
N THR B 104 12.96 -22.27 8.46
CA THR B 104 14.05 -21.55 9.08
C THR B 104 14.53 -20.48 8.12
N TYR B 105 14.52 -19.23 8.60
CA TYR B 105 15.02 -18.10 7.84
C TYR B 105 16.39 -17.68 8.35
N ASP B 106 17.35 -17.55 7.45
CA ASP B 106 18.59 -16.85 7.78
C ASP B 106 18.30 -15.36 7.83
N PRO B 107 19.19 -14.58 8.46
CA PRO B 107 19.09 -13.12 8.47
C PRO B 107 19.00 -12.58 7.05
N ALA B 108 18.16 -11.57 6.84
CA ALA B 108 17.88 -11.08 5.49
C ALA B 108 18.70 -9.86 5.11
N GLU B 109 18.63 -9.51 3.83
CA GLU B 109 19.18 -8.26 3.32
C GLU B 109 18.10 -7.52 2.55
N PRO B 110 17.78 -6.28 2.95
CA PRO B 110 18.37 -5.60 4.11
C PRO B 110 17.97 -6.26 5.42
N ALA B 111 18.60 -5.85 6.51
CA ALA B 111 18.50 -6.54 7.80
C ALA B 111 17.09 -6.88 8.22
N ALA B 112 16.85 -8.17 8.40
CA ALA B 112 15.65 -8.67 9.05
C ALA B 112 16.08 -9.88 9.84
N PRO B 113 15.49 -10.08 11.03
CA PRO B 113 15.93 -11.14 11.93
C PRO B 113 15.78 -12.55 11.35
N ALA B 114 16.68 -13.43 11.72
CA ALA B 114 16.48 -14.85 11.46
C ALA B 114 15.31 -15.31 12.31
N GLN B 115 14.59 -16.30 11.83
CA GLN B 115 13.52 -16.89 12.61
C GLN B 115 13.29 -18.33 12.21
N HIS B 116 12.57 -19.07 13.05
CA HIS B 116 12.18 -20.43 12.73
C HIS B 116 10.82 -20.69 13.36
N GLY B 117 10.01 -21.51 12.72
CA GLY B 117 8.69 -21.78 13.24
C GLY B 117 8.03 -22.96 12.58
N GLU B 118 6.78 -23.19 12.94
CA GLU B 118 6.03 -24.28 12.35
C GLU B 118 4.60 -23.87 12.13
N TRP B 119 4.11 -24.15 10.93
CA TRP B 119 2.69 -24.02 10.62
C TRP B 119 1.98 -25.33 10.95
N THR B 120 0.86 -25.25 11.64
CA THR B 120 0.00 -26.41 11.76
C THR B 120 -1.36 -26.08 11.20
N PHE B 121 -1.98 -27.05 10.54
CA PHE B 121 -3.31 -26.89 9.96
C PHE B 121 -4.26 -27.93 10.54
N ARG B 122 -5.09 -27.51 11.49
CA ARG B 122 -5.98 -28.43 12.20
C ARG B 122 -7.42 -28.31 11.71
N ARG B 123 -8.00 -29.45 11.33
CA ARG B 123 -9.37 -29.48 10.83
C ARG B 123 -10.37 -29.14 11.93
N LEU B 124 -11.40 -28.40 11.58
CA LEU B 124 -12.42 -28.08 12.55
C LEU B 124 -13.76 -28.62 12.13
N SER B 125 -14.28 -28.09 11.03
CA SER B 125 -15.51 -28.57 10.46
C SER B 125 -15.18 -29.15 9.12
N ASP B 126 -13.91 -29.52 8.93
CA ASP B 126 -13.53 -30.07 7.65
C ASP B 126 -13.64 -29.03 6.55
N ALA B 127 -14.71 -28.22 6.54
CA ALA B 127 -14.77 -27.20 5.50
C ALA B 127 -14.22 -25.96 6.16
N SER B 128 -13.63 -26.20 7.32
CA SER B 128 -13.07 -25.16 8.20
C SER B 128 -11.73 -25.60 8.75
N THR B 129 -10.77 -24.68 8.80
CA THR B 129 -9.44 -25.02 9.29
C THR B 129 -8.95 -23.99 10.29
N GLU B 130 -8.14 -24.43 11.23
CA GLU B 130 -7.45 -23.53 12.14
C GLU B 130 -5.97 -23.52 11.82
N VAL B 131 -5.50 -22.36 11.39
CA VAL B 131 -4.09 -22.17 11.09
C VAL B 131 -3.38 -21.68 12.35
N ARG B 132 -2.25 -22.28 12.66
CA ARG B 132 -1.46 -21.83 13.79
C ARG B 132 0.00 -21.75 13.43
N VAL B 133 0.62 -20.62 13.74
CA VAL B 133 2.05 -20.47 13.53
C VAL B 133 2.75 -20.16 14.83
N GLU B 134 3.71 -21.03 15.17
CA GLU B 134 4.53 -20.89 16.35
C GLU B 134 5.96 -20.58 15.89
N TYR B 135 6.57 -19.53 16.44
CA TYR B 135 7.87 -19.13 15.92
C TYR B 135 8.73 -18.35 16.92
N GLU B 136 9.98 -18.12 16.56
CA GLU B 136 10.91 -17.40 17.42
C GLU B 136 11.64 -16.31 16.64
N LEU B 137 11.44 -15.06 17.05
CA LEU B 137 12.11 -13.94 16.40
C LEU B 137 13.55 -13.88 16.86
N LEU B 138 14.36 -14.83 16.41
CA LEU B 138 15.73 -14.93 16.87
C LEU B 138 16.45 -13.62 16.71
N GLY B 142 15.89 -8.11 16.58
CA GLY B 142 15.16 -7.49 15.49
C GLY B 142 13.84 -6.89 15.96
N ASP B 143 12.93 -6.64 15.03
CA ASP B 143 11.64 -6.05 15.36
C ASP B 143 10.54 -7.10 15.42
N ALA B 144 10.17 -7.48 16.64
CA ALA B 144 9.11 -8.46 16.87
C ALA B 144 7.76 -7.95 16.36
N ALA B 145 7.50 -6.66 16.54
CA ALA B 145 6.24 -6.07 16.10
C ALA B 145 6.07 -6.17 14.57
N LEU B 146 7.13 -5.85 13.83
CA LEU B 146 7.10 -5.96 12.37
C LEU B 146 6.88 -7.40 11.90
N ALA B 147 7.65 -8.33 12.48
CA ALA B 147 7.51 -9.74 12.15
C ALA B 147 6.08 -10.22 12.37
N ASP B 148 5.49 -9.81 13.48
CA ASP B 148 4.09 -10.10 13.81
C ASP B 148 3.14 -9.62 12.72
N ARG B 149 3.31 -8.37 12.30
CA ARG B 149 2.43 -7.78 11.31
C ARG B 149 2.60 -8.47 9.96
N GLU B 150 3.83 -8.82 9.61
CA GLU B 150 4.10 -9.47 8.33
C GLU B 150 3.48 -10.86 8.31
N LEU B 151 3.56 -11.58 9.44
CA LEU B 151 2.94 -12.90 9.53
C LEU B 151 1.40 -12.81 9.42
N ARG B 152 0.81 -11.83 10.08
CA ARG B 152 -0.65 -11.73 10.04
C ARG B 152 -1.13 -11.35 8.64
N GLU B 153 -0.39 -10.51 7.94
CA GLU B 153 -0.77 -10.16 6.58
C GLU B 153 -0.68 -11.38 5.66
N LEU B 154 0.36 -12.19 5.80
CA LEU B 154 0.49 -13.38 4.96
C LEU B 154 -0.67 -14.35 5.23
N VAL B 155 -0.98 -14.57 6.50
CA VAL B 155 -2.07 -15.48 6.81
C VAL B 155 -3.40 -14.92 6.30
N ASP B 156 -3.58 -13.60 6.40
CA ASP B 156 -4.76 -12.98 5.82
C ASP B 156 -4.85 -13.26 4.32
N CYS B 157 -3.71 -13.23 3.67
CA CYS B 157 -3.69 -13.45 2.22
C CYS B 157 -3.95 -14.91 1.89
N VAL B 158 -3.36 -15.80 2.68
CA VAL B 158 -3.64 -17.23 2.56
C VAL B 158 -5.12 -17.50 2.77
N THR B 159 -5.70 -16.83 3.76
CA THR B 159 -7.11 -17.00 4.10
C THR B 159 -8.02 -16.61 2.93
N ASP B 160 -7.80 -15.42 2.39
CA ASP B 160 -8.59 -14.95 1.27
C ASP B 160 -8.48 -15.88 0.06
N ALA B 161 -7.25 -16.28 -0.26
CA ALA B 161 -7.00 -17.14 -1.42
C ALA B 161 -7.74 -18.46 -1.28
N ALA B 162 -7.73 -19.01 -0.06
CA ALA B 162 -8.36 -20.29 0.22
C ALA B 162 -9.88 -20.20 0.19
N GLU B 163 -10.43 -19.19 0.86
CA GLU B 163 -11.88 -19.03 0.93
C GLU B 163 -12.48 -18.65 -0.41
N ARG B 164 -11.70 -18.01 -1.26
CA ARG B 164 -12.21 -17.60 -2.57
C ARG B 164 -11.60 -18.43 -3.70
N HIS B 165 -11.15 -19.63 -3.35
CA HIS B 165 -10.52 -20.55 -4.30
C HIS B 165 -11.35 -20.72 -5.58
N GLU B 166 -12.65 -20.92 -5.42
CA GLU B 166 -13.56 -21.07 -6.55
C GLU B 166 -13.56 -19.84 -7.44
N GLU B 167 -13.69 -18.67 -6.81
CA GLU B 167 -13.79 -17.41 -7.51
C GLU B 167 -12.53 -17.13 -8.30
N ARG B 168 -11.38 -17.46 -7.72
CA ARG B 168 -10.08 -17.20 -8.36
C ARG B 168 -9.89 -18.00 -9.66
N ARG B 169 -10.59 -19.11 -9.80
CA ARG B 169 -10.53 -19.87 -11.04
C ARG B 169 -11.07 -19.05 -12.21
N ASP B 170 -11.90 -18.07 -11.92
CA ASP B 170 -12.40 -17.17 -12.96
C ASP B 170 -11.61 -15.87 -13.03
N LEU B 171 -11.18 -15.38 -11.88
CA LEU B 171 -10.53 -14.07 -11.82
C LEU B 171 -9.08 -14.12 -12.28
N VAL B 172 -8.41 -15.25 -12.05
CA VAL B 172 -6.99 -15.37 -12.33
C VAL B 172 -6.75 -15.88 -13.74
N VAL B 173 -6.13 -15.06 -14.58
CA VAL B 173 -5.80 -15.44 -15.96
C VAL B 173 -4.32 -15.81 -16.03
N ASP B 174 -4.06 -17.10 -16.25
CA ASP B 174 -2.70 -17.63 -16.14
C ASP B 174 -2.34 -18.37 -17.43
N PHE B 175 -1.32 -17.89 -18.13
CA PHE B 175 -0.90 -18.49 -19.39
C PHE B 175 0.57 -18.20 -19.70
N GLU B 176 1.11 -18.96 -20.64
CA GLU B 176 2.48 -18.73 -21.11
C GLU B 176 2.57 -18.97 -22.62
N ASP B 177 3.11 -18.01 -23.35
CA ASP B 177 3.35 -18.18 -24.79
C ASP B 177 4.84 -18.33 -25.06
N PRO B 178 5.20 -19.41 -25.78
CA PRO B 178 6.60 -19.64 -26.14
C PRO B 178 6.94 -19.15 -27.55
N LEU B 179 8.23 -18.94 -27.79
CA LEU B 179 8.72 -18.64 -29.11
C LEU B 179 10.12 -19.21 -29.27
N PHE B 180 10.29 -20.05 -30.29
CA PHE B 180 11.62 -20.59 -30.56
C PHE B 180 12.58 -19.53 -31.11
N VAL B 181 13.82 -19.57 -30.64
CA VAL B 181 14.87 -18.67 -31.09
C VAL B 181 16.12 -19.44 -31.52
N ALA B 182 16.63 -19.15 -32.70
CA ALA B 182 17.81 -19.85 -33.21
C ALA B 182 19.05 -19.03 -32.88
N GLY B 183 19.43 -18.99 -31.59
CA GLY B 183 20.56 -18.20 -31.14
C GLY B 183 20.93 -18.55 -29.72
N ALA B 184 21.71 -17.67 -29.10
CA ALA B 184 22.22 -17.88 -27.75
C ALA B 184 21.28 -17.30 -26.72
N VAL B 185 20.96 -18.10 -25.69
CA VAL B 185 20.14 -17.62 -24.59
C VAL B 185 20.62 -16.27 -24.05
N ASP B 186 21.93 -16.12 -23.90
CA ASP B 186 22.48 -14.91 -23.28
C ASP B 186 22.10 -13.63 -24.02
N ASP B 187 21.96 -13.70 -25.34
CA ASP B 187 21.60 -12.52 -26.12
C ASP B 187 20.15 -12.11 -25.91
N ALA B 188 19.21 -13.06 -25.92
CA ALA B 188 17.81 -12.74 -25.63
C ALA B 188 17.64 -12.31 -24.17
N TYR B 189 18.35 -12.98 -23.27
CA TYR B 189 18.33 -12.60 -21.86
C TYR B 189 18.76 -11.12 -21.71
N THR B 190 19.91 -10.79 -22.29
CA THR B 190 20.41 -9.40 -22.26
C THR B 190 19.37 -8.41 -22.78
N TYR B 191 18.75 -8.74 -23.90
CA TYR B 191 17.75 -7.87 -24.50
C TYR B 191 16.61 -7.54 -23.53
N LEU B 192 16.18 -8.54 -22.78
CA LEU B 192 15.04 -8.38 -21.89
C LEU B 192 15.47 -7.89 -20.52
N TYR B 193 16.73 -8.17 -20.18
CA TYR B 193 17.31 -7.69 -18.93
C TYR B 193 17.56 -6.18 -18.97
N GLU B 194 18.09 -5.70 -20.10
CA GLU B 194 18.41 -4.28 -20.25
C GLU B 194 17.19 -3.44 -20.62
N ALA B 195 16.21 -3.41 -19.71
CA ALA B 195 14.94 -2.73 -19.99
C ALA B 195 15.12 -1.21 -20.05
N ASP B 196 16.23 -0.71 -19.54
CA ASP B 196 16.52 0.73 -19.67
C ASP B 196 16.64 1.13 -21.14
N LYS B 197 16.87 0.17 -22.03
CA LYS B 197 16.94 0.45 -23.46
C LYS B 197 15.63 0.22 -24.21
N TRP B 198 14.61 -0.27 -23.52
CA TRP B 198 13.35 -0.56 -24.21
C TRP B 198 12.71 0.67 -24.87
N PRO B 199 12.86 1.86 -24.25
CA PRO B 199 12.13 2.95 -24.91
C PRO B 199 12.71 3.22 -26.30
N GLU B 200 14.02 2.98 -26.46
CA GLU B 200 14.67 3.11 -27.76
C GLU B 200 14.38 1.93 -28.70
N ARG B 201 14.16 0.75 -28.12
CA ARG B 201 14.09 -0.49 -28.92
C ARG B 201 12.69 -1.01 -29.17
N ILE B 202 11.80 -0.85 -28.19
CA ILE B 202 10.47 -1.42 -28.26
C ILE B 202 9.40 -0.34 -28.50
N PRO B 203 8.67 -0.46 -29.63
CA PRO B 203 7.66 0.51 -30.05
C PRO B 203 6.64 0.90 -28.97
N HIS B 204 6.07 -0.06 -28.24
CA HIS B 204 5.01 0.32 -27.31
C HIS B 204 5.54 0.85 -25.97
N VAL B 205 6.83 1.16 -25.92
CA VAL B 205 7.44 1.69 -24.70
C VAL B 205 7.92 3.14 -24.88
N ALA B 206 7.22 4.06 -24.23
CA ALA B 206 7.48 5.49 -24.37
C ALA B 206 8.50 6.01 -23.36
N ARG B 207 8.51 5.41 -22.18
CA ARG B 207 9.39 5.85 -21.11
C ARG B 207 9.67 4.70 -20.15
N LEU B 208 10.89 4.65 -19.62
CA LEU B 208 11.21 3.65 -18.61
C LEU B 208 12.34 4.16 -17.73
N VAL B 209 12.08 4.19 -16.42
CA VAL B 209 13.02 4.72 -15.44
C VAL B 209 13.54 3.55 -14.62
N MET B 210 14.76 3.11 -14.93
CA MET B 210 15.31 1.91 -14.32
C MET B 210 16.11 2.16 -13.04
N GLU B 211 15.86 1.37 -12.01
CA GLU B 211 16.70 1.37 -10.81
C GLU B 211 17.21 -0.04 -10.53
N GLU B 212 18.52 -0.21 -10.43
CA GLU B 212 19.11 -1.50 -10.06
C GLU B 212 20.25 -1.30 -9.06
N ARG B 213 19.90 -0.79 -7.88
CA ARG B 213 20.87 -0.54 -6.81
C ARG B 213 21.57 -1.82 -6.39
N VAL B 214 20.76 -2.87 -6.22
CA VAL B 214 21.26 -4.19 -5.92
C VAL B 214 21.28 -4.98 -7.23
N PRO B 215 22.45 -5.50 -7.63
CA PRO B 215 22.59 -6.22 -8.92
C PRO B 215 21.52 -7.28 -9.07
N ASN B 216 20.89 -7.35 -10.25
CA ASN B 216 19.89 -8.39 -10.54
C ASN B 216 18.59 -8.26 -9.75
N ILE B 217 18.39 -7.13 -9.08
CA ILE B 217 17.06 -6.79 -8.56
C ILE B 217 16.71 -5.42 -9.14
N GLN B 218 15.65 -5.38 -9.96
CA GLN B 218 15.29 -4.15 -10.66
C GLN B 218 13.92 -3.61 -10.23
N PHE B 219 13.81 -2.28 -10.22
CA PHE B 219 12.54 -1.58 -10.20
C PHE B 219 12.51 -0.66 -11.39
N PHE B 220 11.36 -0.55 -12.05
CA PHE B 220 11.24 0.52 -13.00
C PHE B 220 9.82 1.00 -13.15
N ASP B 221 9.69 2.29 -13.43
CA ASP B 221 8.47 2.88 -13.94
C ASP B 221 8.47 2.79 -15.48
N MET B 222 7.33 2.46 -16.06
CA MET B 222 7.23 2.35 -17.50
C MET B 222 5.94 3.00 -17.99
N ASP B 223 6.07 3.82 -19.04
CA ASP B 223 4.91 4.36 -19.75
C ASP B 223 4.72 3.60 -21.06
N THR B 224 3.55 2.98 -21.24
CA THR B 224 3.24 2.38 -22.53
C THR B 224 2.14 3.18 -23.23
N THR B 225 2.24 3.26 -24.55
CA THR B 225 1.22 3.95 -25.34
C THR B 225 0.22 2.95 -25.90
N THR B 226 -1.06 3.21 -25.65
CA THR B 226 -2.12 2.36 -26.17
C THR B 226 -2.43 2.74 -27.62
N PRO B 227 -3.29 1.95 -28.29
CA PRO B 227 -3.66 2.27 -29.67
C PRO B 227 -4.26 3.68 -29.79
N ASP B 228 -4.77 4.22 -28.69
CA ASP B 228 -5.39 5.55 -28.68
C ASP B 228 -4.34 6.67 -28.71
N GLY B 229 -3.13 6.37 -28.29
CA GLY B 229 -2.09 7.38 -28.14
C GLY B 229 -1.92 7.81 -26.70
N SER B 230 -2.83 7.34 -25.83
CA SER B 230 -2.75 7.64 -24.41
C SER B 230 -1.67 6.79 -23.74
N ALA B 231 -0.93 7.40 -22.82
CA ALA B 231 0.16 6.71 -22.12
C ALA B 231 -0.26 6.27 -20.72
N HIS B 232 0.05 5.02 -20.38
CA HIS B 232 -0.29 4.45 -19.08
C HIS B 232 0.96 4.04 -18.31
N THR B 233 1.04 4.51 -17.07
CA THR B 233 2.21 4.31 -16.22
C THR B 233 2.03 3.12 -15.29
N THR B 234 3.03 2.25 -15.26
CA THR B 234 3.04 1.12 -14.34
C THR B 234 4.40 1.04 -13.65
N ARG B 235 4.49 0.26 -12.58
CA ARG B 235 5.75 0.05 -11.90
C ARG B 235 5.93 -1.44 -11.64
N SER B 236 7.12 -1.92 -11.94
CA SER B 236 7.42 -3.34 -11.84
C SER B 236 8.65 -3.56 -10.99
N VAL B 237 8.69 -4.70 -10.31
CA VAL B 237 9.92 -5.15 -9.67
C VAL B 237 10.30 -6.47 -10.31
N ARG B 238 11.60 -6.68 -10.55
CA ARG B 238 12.03 -7.90 -11.22
C ARG B 238 13.20 -8.58 -10.50
N VAL B 239 13.13 -9.90 -10.41
CA VAL B 239 14.23 -10.71 -9.92
C VAL B 239 14.87 -11.38 -11.13
N CYS B 240 16.12 -11.05 -11.40
CA CYS B 240 16.80 -11.54 -12.58
C CYS B 240 17.77 -12.70 -12.25
N LEU B 241 17.50 -13.87 -12.83
CA LEU B 241 18.31 -15.06 -12.65
C LEU B 241 19.06 -15.40 -13.94
N PRO B 242 20.33 -14.99 -14.02
CA PRO B 242 21.16 -15.07 -15.23
C PRO B 242 21.08 -16.42 -15.91
N GLY B 243 20.91 -16.41 -17.23
CA GLY B 243 20.79 -17.61 -18.03
C GLY B 243 19.56 -18.47 -17.75
N ASP B 244 18.68 -18.04 -16.87
CA ASP B 244 17.53 -18.82 -16.50
C ASP B 244 16.19 -18.12 -16.78
N LYS B 245 15.89 -17.08 -16.02
CA LYS B 245 14.64 -16.36 -16.21
C LYS B 245 14.65 -15.01 -15.50
N ILE B 246 13.68 -14.18 -15.85
CA ILE B 246 13.44 -12.91 -15.19
C ILE B 246 12.02 -12.98 -14.68
N VAL B 247 11.86 -12.90 -13.36
CA VAL B 247 10.54 -13.00 -12.74
C VAL B 247 10.11 -11.62 -12.32
N TYR B 248 8.88 -11.24 -12.62
CA TYR B 248 8.45 -9.90 -12.28
C TYR B 248 7.06 -9.82 -11.66
N LYS B 249 6.76 -8.65 -11.10
CA LYS B 249 5.48 -8.38 -10.47
C LYS B 249 5.21 -6.89 -10.60
N GLN B 250 4.01 -6.54 -11.04
CA GLN B 250 3.63 -5.12 -11.12
C GLN B 250 3.15 -4.64 -9.76
N ILE B 251 3.76 -3.58 -9.24
CA ILE B 251 3.33 -3.06 -7.96
C ILE B 251 2.53 -1.77 -8.11
N GLN B 252 2.59 -1.15 -9.28
CA GLN B 252 1.59 -0.14 -9.67
C GLN B 252 0.82 -0.69 -10.85
N LEU B 253 -0.46 -0.99 -10.61
CA LEU B 253 -1.28 -1.80 -11.53
C LEU B 253 -2.29 -1.02 -12.32
N PRO B 254 -2.59 -1.46 -13.55
CA PRO B 254 -3.79 -0.92 -14.22
C PRO B 254 -5.03 -1.16 -13.37
N LYS B 255 -6.08 -0.39 -13.60
CA LYS B 255 -7.20 -0.42 -12.67
C LYS B 255 -7.99 -1.73 -12.79
N LEU B 256 -7.87 -2.40 -13.92
CA LEU B 256 -8.59 -3.66 -14.15
C LEU B 256 -8.08 -4.81 -13.28
N LEU B 257 -6.89 -4.65 -12.71
CA LEU B 257 -6.21 -5.76 -12.04
C LEU B 257 -5.89 -5.54 -10.56
N THR B 258 -6.04 -6.57 -9.74
CA THR B 258 -5.52 -6.52 -8.37
C THR B 258 -4.14 -7.18 -8.25
N GLY B 259 -3.68 -7.81 -9.33
CA GLY B 259 -2.41 -8.50 -9.30
C GLY B 259 -1.93 -8.79 -10.72
N HIS B 260 -0.61 -8.79 -10.89
CA HIS B 260 -0.05 -9.15 -12.18
C HIS B 260 1.41 -9.56 -12.03
N THR B 261 1.68 -10.85 -12.20
CA THR B 261 3.04 -11.35 -12.13
C THR B 261 3.36 -11.99 -13.49
N GLY B 262 4.63 -12.26 -13.74
CA GLY B 262 4.98 -12.84 -15.01
C GLY B 262 6.44 -13.23 -15.06
N HIS B 263 6.89 -13.99 -16.12
CA HIS B 263 8.31 -14.09 -16.39
C HIS B 263 8.62 -14.01 -17.87
N TRP B 264 9.98 -13.90 -18.00
CA TRP B 264 10.62 -14.16 -19.26
C TRP B 264 11.52 -15.36 -18.98
N LYS B 265 11.26 -16.48 -19.63
CA LYS B 265 11.99 -17.70 -19.32
C LYS B 265 12.73 -18.22 -20.54
N PHE B 266 13.90 -18.81 -20.30
CA PHE B 266 14.81 -19.22 -21.38
C PHE B 266 15.16 -20.70 -21.20
N THR B 267 14.74 -21.52 -22.15
CA THR B 267 14.91 -22.97 -22.06
C THR B 267 15.72 -23.48 -23.26
N PRO B 268 16.97 -23.89 -23.03
CA PRO B 268 17.87 -24.34 -24.11
C PRO B 268 17.31 -25.57 -24.80
N THR B 269 17.43 -25.64 -26.12
CA THR B 269 17.18 -26.88 -26.85
C THR B 269 18.44 -27.18 -27.64
N ARG B 270 18.46 -28.30 -28.35
CA ARG B 270 19.62 -28.65 -29.18
C ARG B 270 19.84 -27.64 -30.30
N GLU B 271 18.76 -27.05 -30.79
CA GLU B 271 18.88 -26.19 -31.97
C GLU B 271 18.82 -24.68 -31.65
N GLY B 272 18.68 -24.34 -30.37
CA GLY B 272 18.60 -22.95 -29.95
C GLY B 272 18.01 -22.88 -28.55
N PHE B 273 16.94 -22.12 -28.41
CA PHE B 273 16.23 -22.09 -27.13
C PHE B 273 14.80 -21.63 -27.32
N VAL B 274 13.97 -21.93 -26.33
CA VAL B 274 12.60 -21.48 -26.33
C VAL B 274 12.43 -20.38 -25.29
N LEU B 275 11.96 -19.25 -25.72
CA LEU B 275 11.72 -18.13 -24.88
C LEU B 275 10.24 -18.13 -24.48
N GLY B 276 9.95 -18.13 -23.19
CA GLY B 276 8.57 -18.19 -22.73
C GLY B 276 8.15 -16.92 -22.00
N ALA B 277 6.99 -16.38 -22.36
CA ALA B 277 6.45 -15.22 -21.66
C ALA B 277 5.22 -15.60 -20.89
N ARG B 278 5.33 -15.69 -19.57
CA ARG B 278 4.19 -16.06 -18.71
C ARG B 278 3.51 -14.81 -18.17
N HIS B 279 2.18 -14.85 -18.09
CA HIS B 279 1.43 -13.84 -17.36
C HIS B 279 0.51 -14.52 -16.37
N THR B 280 0.38 -13.92 -15.20
CA THR B 280 -0.64 -14.34 -14.27
C THR B 280 -1.28 -13.06 -13.78
N ALA B 281 -2.44 -12.74 -14.35
CA ALA B 281 -3.13 -11.48 -14.05
C ALA B 281 -4.45 -11.78 -13.32
N THR B 282 -4.73 -11.02 -12.27
CA THR B 282 -5.94 -11.26 -11.48
C THR B 282 -6.92 -10.10 -11.66
N ILE B 283 -8.11 -10.43 -12.16
CA ILE B 283 -9.11 -9.42 -12.50
C ILE B 283 -9.76 -8.81 -11.26
N LYS B 284 -9.96 -7.50 -11.29
CA LYS B 284 -10.70 -6.79 -10.25
C LYS B 284 -12.17 -6.65 -10.66
N PRO B 285 -13.05 -7.46 -10.04
CA PRO B 285 -14.47 -7.50 -10.43
C PRO B 285 -15.11 -6.12 -10.47
N SER B 286 -14.84 -5.27 -9.49
CA SER B 286 -15.47 -3.95 -9.44
C SER B 286 -15.04 -3.06 -10.60
N ALA B 287 -13.96 -3.43 -11.29
CA ALA B 287 -13.44 -2.59 -12.36
C ALA B 287 -13.86 -3.05 -13.76
N LEU B 288 -14.64 -4.13 -13.82
CA LEU B 288 -15.10 -4.68 -15.10
C LEU B 288 -15.70 -3.65 -16.06
N PRO B 289 -16.51 -2.71 -15.52
CA PRO B 289 -17.15 -1.70 -16.37
C PRO B 289 -16.15 -0.90 -17.20
N ILE B 290 -14.89 -0.87 -16.76
CA ILE B 290 -13.87 -0.11 -17.46
C ILE B 290 -13.70 -0.58 -18.91
N LEU B 291 -14.07 -1.84 -19.16
CA LEU B 291 -13.97 -2.41 -20.50
C LEU B 291 -15.24 -2.15 -21.30
N GLY B 292 -16.13 -1.34 -20.74
CA GLY B 292 -17.40 -1.04 -21.38
C GLY B 292 -18.56 -1.64 -20.60
N GLU B 293 -19.71 -0.96 -20.65
CA GLU B 293 -20.90 -1.47 -19.98
C GLU B 293 -21.27 -2.87 -20.44
N GLY B 294 -21.58 -3.75 -19.49
CA GLY B 294 -21.96 -5.11 -19.80
C GLY B 294 -20.83 -6.12 -19.65
N THR B 295 -19.61 -5.60 -19.51
CA THR B 295 -18.41 -6.44 -19.44
C THR B 295 -18.54 -7.55 -18.40
N THR B 296 -18.35 -8.79 -18.82
CA THR B 296 -18.32 -9.93 -17.89
C THR B 296 -16.90 -10.33 -17.51
N VAL B 297 -16.78 -11.18 -16.50
CA VAL B 297 -15.48 -11.71 -16.10
C VAL B 297 -14.84 -12.41 -17.30
N LEU B 298 -15.61 -13.24 -18.01
CA LEU B 298 -15.09 -13.93 -19.20
C LEU B 298 -14.63 -12.93 -20.27
N ASP B 299 -15.41 -11.88 -20.50
CA ASP B 299 -14.99 -10.79 -21.39
C ASP B 299 -13.60 -10.27 -21.01
N ALA B 300 -13.41 -10.06 -19.71
CA ALA B 300 -12.16 -9.53 -19.18
C ALA B 300 -11.03 -10.54 -19.37
N ARG B 301 -11.35 -11.81 -19.18
CA ARG B 301 -10.39 -12.89 -19.41
C ARG B 301 -9.91 -12.87 -20.87
N LYS B 302 -10.85 -12.73 -21.80
CA LYS B 302 -10.51 -12.72 -23.22
C LYS B 302 -9.69 -11.49 -23.59
N TYR B 303 -10.08 -10.35 -23.02
CA TYR B 303 -9.37 -9.11 -23.25
C TYR B 303 -7.90 -9.28 -22.82
N LEU B 304 -7.70 -9.74 -21.60
CA LEU B 304 -6.35 -9.85 -21.04
C LEU B 304 -5.51 -10.90 -21.77
N ARG B 305 -6.11 -12.06 -22.07
CA ARG B 305 -5.37 -13.11 -22.77
C ARG B 305 -4.84 -12.58 -24.10
N ARG B 306 -5.66 -11.80 -24.80
CA ARG B 306 -5.29 -11.28 -26.11
C ARG B 306 -4.27 -10.15 -26.02
N VAL B 307 -4.56 -9.16 -25.18
CA VAL B 307 -3.76 -7.93 -25.22
C VAL B 307 -2.42 -8.15 -24.53
N LEU B 308 -2.43 -8.84 -23.39
CA LEU B 308 -1.16 -9.15 -22.71
C LEU B 308 -0.24 -10.00 -23.61
N SER B 309 -0.81 -11.00 -24.27
CA SER B 309 0.02 -11.88 -25.09
C SER B 309 0.52 -11.15 -26.33
N ALA B 310 -0.30 -10.27 -26.92
CA ALA B 310 0.17 -9.53 -28.10
C ALA B 310 1.34 -8.63 -27.73
N ASN B 311 1.23 -8.00 -26.57
CA ASN B 311 2.25 -7.07 -26.10
C ASN B 311 3.57 -7.80 -25.86
N SER B 312 3.49 -8.92 -25.15
CA SER B 312 4.68 -9.73 -24.88
C SER B 312 5.27 -10.35 -26.16
N MET B 313 4.41 -10.80 -27.06
CA MET B 313 4.87 -11.44 -28.29
C MET B 313 5.70 -10.44 -29.09
N GLY B 314 5.32 -9.16 -28.98
CA GLY B 314 6.12 -8.09 -29.53
C GLY B 314 7.55 -8.14 -28.99
N ASN B 315 7.70 -8.19 -27.68
CA ASN B 315 9.02 -8.28 -27.07
C ASN B 315 9.74 -9.55 -27.47
N LEU B 316 9.01 -10.67 -27.47
CA LEU B 316 9.64 -11.95 -27.83
C LEU B 316 10.20 -11.90 -29.24
N ARG B 317 9.43 -11.38 -30.18
CA ARG B 317 9.90 -11.29 -31.55
C ARG B 317 11.12 -10.37 -31.69
N LEU B 318 11.17 -9.29 -30.90
CA LEU B 318 12.33 -8.41 -30.95
C LEU B 318 13.54 -9.10 -30.35
N ALA B 319 13.34 -9.77 -29.22
CA ALA B 319 14.45 -10.48 -28.58
C ALA B 319 14.98 -11.57 -29.50
N LYS B 320 14.06 -12.25 -30.19
CA LYS B 320 14.41 -13.29 -31.15
C LYS B 320 15.25 -12.74 -32.31
N ALA B 321 14.82 -11.62 -32.88
CA ALA B 321 15.55 -10.99 -33.98
C ALA B 321 16.94 -10.55 -33.52
N PHE B 322 17.01 -9.97 -32.33
CA PHE B 322 18.28 -9.55 -31.74
C PHE B 322 19.26 -10.74 -31.66
N ALA B 323 18.82 -11.85 -31.08
CA ALA B 323 19.68 -13.00 -30.88
C ALA B 323 20.08 -13.68 -32.20
N GLU B 324 19.14 -13.78 -33.13
CA GLU B 324 19.41 -14.45 -34.41
C GLU B 324 20.32 -13.59 -35.30
N GLU B 325 20.19 -12.28 -35.17
CA GLU B 325 21.05 -11.37 -35.92
C GLU B 325 22.49 -11.57 -35.47
N ARG B 326 22.67 -11.72 -34.16
CA ARG B 326 24.01 -11.92 -33.60
C ARG B 326 24.55 -13.29 -34.00
N ALA B 327 23.66 -14.29 -34.03
CA ALA B 327 24.03 -15.65 -34.42
C ALA B 327 24.41 -15.75 -35.90
N GLY B 328 24.05 -14.74 -36.68
CA GLY B 328 24.44 -14.70 -38.08
C GLY B 328 23.31 -15.18 -38.96
N VAL B 329 22.12 -15.15 -38.37
CA VAL B 329 20.83 -15.53 -38.94
C VAL B 329 20.57 -16.98 -38.57
C FMT C . 9.06 -2.01 7.29
O1 FMT C . 9.34 -2.84 6.36
O2 FMT C . 7.87 -1.59 7.45
H FMT C . 9.78 -1.70 7.87
C FMT D . -5.80 -9.54 1.74
O1 FMT D . -5.65 -10.15 0.64
O2 FMT D . -4.97 -8.63 2.09
H FMT D . -6.54 -9.77 2.33
#